data_2A8Z
#
_entry.id   2A8Z
#
_cell.length_a   77.779
_cell.length_b   77.779
_cell.length_c   149.634
_cell.angle_alpha   90.00
_cell.angle_beta   90.00
_cell.angle_gamma   120.00
#
_symmetry.space_group_name_H-M   'P 31 2 1'
#
loop_
_entity.id
_entity.type
_entity.pdbx_description
1 polymer endo-1,4-beta-xylanase
2 water water
#
_entity_poly.entity_id   1
_entity_poly.type   'polypeptide(L)'
_entity_poly.pdbx_seq_one_letter_code
;AFNNNPSSVGAYSSGTYRNLAQEMGKTNIQQKVNSTFDNMFGYNNTQQLYYPYTENGVYKAHYIKAINPDEGDDIRTEGQ
SWGMTAAVMLNKQEEFDNLWRFAKAYQKNPDNHPDAKKQGVYAWKLKLNQNGFVYKVDEGPAPAGEEYFAFALLNASARW
GNSGEFNYYNDAITMLNTIKNKLMENQIIRFSPYIDNLTDPSYHIPAFYDYFANNVTNQADKNYWRQVATKSRTLLKNHF
TKVSGSPHWNLPTFLSRLDGSPVIGYIFNGQANPGQWYEFDAWRVIMNVGLDAHLMGAQAWHKSAVNKALGFLSYAKTNN
SKNCYEQVYSYGGAQNRGCAGEGQKAANAVALLASTNAGQANEFFNEFWSLSQPTGDYRYYNGSLYMLAMLHVSGNFKFY
NNTFN
;
_entity_poly.pdbx_strand_id   A
#
# COMPACT_ATOMS: atom_id res chain seq x y z
N ALA A 1 16.27 -7.36 20.53
CA ALA A 1 16.11 -8.77 20.09
C ALA A 1 15.03 -8.88 19.02
N PHE A 2 15.45 -9.12 17.78
CA PHE A 2 14.50 -9.37 16.71
C PHE A 2 13.75 -10.65 17.06
N ASN A 3 12.44 -10.64 16.87
CA ASN A 3 11.61 -11.78 17.17
C ASN A 3 11.45 -12.70 15.96
N ASN A 4 12.39 -13.63 15.84
CA ASN A 4 12.55 -14.48 14.67
C ASN A 4 11.50 -15.58 14.52
N ASN A 5 10.57 -15.62 15.47
CA ASN A 5 9.45 -16.53 15.38
C ASN A 5 8.19 -15.76 15.64
N PRO A 6 7.72 -15.05 14.60
CA PRO A 6 6.48 -14.27 14.69
C PRO A 6 5.28 -15.12 15.05
N SER A 7 4.39 -14.55 15.87
CA SER A 7 3.20 -15.24 16.36
C SER A 7 2.28 -15.64 15.24
N SER A 8 1.76 -16.87 15.32
CA SER A 8 0.73 -17.34 14.41
C SER A 8 -0.63 -16.77 14.81
N VAL A 9 -0.69 -16.06 15.94
CA VAL A 9 -1.82 -15.21 16.28
C VAL A 9 -1.46 -13.79 15.85
N GLY A 10 -2.42 -13.06 15.27
CA GLY A 10 -2.16 -11.73 14.78
C GLY A 10 -2.16 -10.66 15.85
N ALA A 11 -1.61 -9.50 15.51
CA ALA A 11 -1.66 -8.34 16.40
C ALA A 11 -3.09 -7.88 16.59
N TYR A 12 -3.94 -8.18 15.61
CA TYR A 12 -5.30 -7.69 15.54
C TYR A 12 -6.22 -8.29 16.61
N SER A 13 -6.20 -9.62 16.71
CA SER A 13 -6.96 -10.35 17.72
C SER A 13 -6.35 -10.08 19.07
N SER A 14 -5.03 -10.29 19.18
CA SER A 14 -4.29 -10.22 20.44
C SER A 14 -4.13 -8.82 21.02
N GLY A 15 -4.28 -7.80 20.20
CA GLY A 15 -4.12 -6.44 20.66
C GLY A 15 -2.68 -6.11 20.95
N THR A 16 -1.78 -7.05 20.64
CA THR A 16 -0.36 -6.85 20.86
C THR A 16 0.36 -6.57 19.55
N TYR A 17 0.68 -5.31 19.33
CA TYR A 17 1.42 -4.91 18.14
C TYR A 17 2.91 -4.98 18.39
N ARG A 18 3.65 -5.59 17.46
CA ARG A 18 5.11 -5.61 17.50
C ARG A 18 5.71 -4.20 17.27
N ASN A 19 6.88 -3.95 17.85
CA ASN A 19 7.65 -2.77 17.50
C ASN A 19 8.97 -3.19 16.86
N LEU A 20 8.96 -3.47 15.56
CA LEU A 20 10.15 -3.99 14.87
C LEU A 20 11.39 -3.20 15.25
N ALA A 21 11.34 -1.89 14.99
CA ALA A 21 12.45 -1.00 15.27
C ALA A 21 12.99 -1.24 16.67
N GLN A 22 12.08 -1.28 17.64
CA GLN A 22 12.48 -1.50 19.01
C GLN A 22 13.25 -2.80 19.10
N GLU A 23 12.65 -3.89 18.61
CA GLU A 23 13.29 -5.20 18.65
C GLU A 23 14.70 -5.11 18.09
N MET A 24 14.84 -4.41 16.96
CA MET A 24 16.13 -4.26 16.29
C MET A 24 17.11 -3.43 17.11
N GLY A 25 16.69 -3.03 18.31
CA GLY A 25 17.55 -2.32 19.24
C GLY A 25 17.56 -0.81 19.12
N LYS A 26 16.84 -0.26 18.15
CA LYS A 26 16.91 1.17 17.85
C LYS A 26 16.34 2.09 18.95
N THR A 27 16.40 3.41 18.70
CA THR A 27 16.06 4.43 19.70
C THR A 27 15.44 5.65 19.03
N ASN A 28 14.83 6.51 19.85
CA ASN A 28 14.15 7.73 19.37
C ASN A 28 13.19 7.48 18.19
N ILE A 29 12.58 6.29 18.19
CA ILE A 29 11.76 5.82 17.09
C ILE A 29 10.55 6.72 16.83
N GLN A 30 9.82 7.02 17.90
CA GLN A 30 8.61 7.81 17.79
C GLN A 30 8.95 9.16 17.22
N GLN A 31 10.10 9.69 17.62
CA GLN A 31 10.60 10.94 17.06
C GLN A 31 10.64 10.76 15.56
N LYS A 32 11.43 9.77 15.11
CA LYS A 32 11.55 9.49 13.70
C LYS A 32 10.16 9.37 13.06
N VAL A 33 9.31 8.52 13.61
CA VAL A 33 7.94 8.36 13.11
C VAL A 33 7.26 9.72 13.00
N ASN A 34 7.43 10.56 14.01
CA ASN A 34 6.76 11.83 14.03
C ASN A 34 7.40 12.81 13.06
N SER A 35 8.72 12.98 13.18
CA SER A 35 9.44 13.84 12.27
C SER A 35 9.10 13.40 10.85
N THR A 36 9.11 12.09 10.61
CA THR A 36 8.74 11.55 9.31
C THR A 36 7.42 12.15 8.84
N PHE A 37 6.36 12.00 9.63
CA PHE A 37 5.08 12.57 9.27
C PHE A 37 5.20 14.07 9.05
N ASP A 38 5.78 14.73 10.05
CA ASP A 38 5.89 16.18 10.12
C ASP A 38 6.52 16.77 8.88
N ASN A 39 7.68 16.23 8.49
CA ASN A 39 8.36 16.60 7.25
C ASN A 39 7.47 16.36 6.04
N MET A 40 7.01 15.12 5.86
CA MET A 40 6.13 14.76 4.77
C MET A 40 4.94 15.70 4.67
N PHE A 41 4.54 16.27 5.80
CA PHE A 41 3.33 17.10 5.87
C PHE A 41 3.61 18.59 6.08
N GLY A 42 4.87 18.92 6.28
CA GLY A 42 5.27 20.30 6.52
C GLY A 42 5.55 21.00 5.22
N TYR A 43 5.17 22.27 5.13
CA TYR A 43 5.45 23.09 3.97
C TYR A 43 6.98 23.37 3.81
N ASN A 44 7.66 22.54 3.03
CA ASN A 44 9.10 22.66 2.85
C ASN A 44 9.65 22.25 1.49
N ASN A 45 8.75 21.94 0.54
CA ASN A 45 9.14 21.42 -0.77
C ASN A 45 10.44 20.60 -0.73
N THR A 46 10.53 19.69 0.26
CA THR A 46 11.72 18.87 0.48
C THR A 46 11.40 17.39 0.67
N GLN A 47 10.73 17.03 1.77
CA GLN A 47 10.18 15.70 1.98
C GLN A 47 8.71 15.75 1.68
N GLN A 48 8.18 16.97 1.77
CA GLN A 48 6.77 17.27 1.62
C GLN A 48 6.12 16.55 0.45
N LEU A 49 4.90 16.08 0.67
CA LEU A 49 4.08 15.47 -0.36
C LEU A 49 2.66 16.01 -0.18
N TYR A 50 2.41 16.51 1.03
CA TYR A 50 1.15 17.12 1.44
C TYR A 50 1.02 18.53 0.88
N TYR A 51 0.14 18.75 -0.10
CA TYR A 51 0.03 20.09 -0.68
C TYR A 51 -1.38 20.67 -0.65
N PRO A 52 -1.50 21.94 -0.25
CA PRO A 52 -2.80 22.62 -0.18
C PRO A 52 -3.35 22.93 -1.56
N TYR A 53 -4.65 22.76 -1.73
CA TYR A 53 -5.26 23.03 -3.02
C TYR A 53 -6.26 24.16 -2.93
N THR A 54 -5.91 25.29 -3.57
CA THR A 54 -6.69 26.51 -3.56
C THR A 54 -7.41 26.65 -4.90
N GLU A 55 -8.57 27.28 -4.89
CA GLU A 55 -9.32 27.58 -6.12
C GLU A 55 -9.67 29.05 -6.14
N ASN A 56 -9.14 29.79 -7.12
CA ASN A 56 -9.28 31.25 -7.14
C ASN A 56 -8.83 31.83 -5.80
N GLY A 57 -7.82 31.19 -5.22
CA GLY A 57 -7.23 31.65 -3.97
C GLY A 57 -8.12 31.50 -2.76
N VAL A 58 -9.12 30.63 -2.85
CA VAL A 58 -9.88 30.25 -1.66
C VAL A 58 -9.52 28.80 -1.35
N TYR A 59 -8.95 28.58 -0.16
CA TYR A 59 -8.49 27.24 0.19
C TYR A 59 -9.59 26.18 0.07
N LYS A 60 -9.25 25.02 -0.48
CA LYS A 60 -10.26 23.97 -0.60
C LYS A 60 -9.96 22.70 0.22
N ALA A 61 -8.84 22.06 -0.09
CA ALA A 61 -8.47 20.81 0.55
C ALA A 61 -6.97 20.67 0.48
N HIS A 62 -6.49 19.45 0.66
CA HIS A 62 -5.09 19.13 0.48
C HIS A 62 -5.00 17.84 -0.28
N TYR A 63 -3.89 17.65 -0.99
CA TYR A 63 -3.69 16.41 -1.72
C TYR A 63 -2.24 15.97 -1.65
N ILE A 64 -2.00 14.70 -1.98
CA ILE A 64 -0.65 14.19 -2.03
C ILE A 64 -0.10 14.33 -3.46
N LYS A 65 1.00 15.07 -3.57
CA LYS A 65 1.55 15.45 -4.86
C LYS A 65 2.44 14.36 -5.40
N ALA A 66 1.92 13.58 -6.34
CA ALA A 66 2.71 12.58 -7.03
C ALA A 66 3.77 13.24 -7.93
N ILE A 67 4.86 13.62 -7.28
CA ILE A 67 5.94 14.41 -7.88
C ILE A 67 6.65 13.65 -9.00
N ASN A 68 6.58 14.22 -10.20
CA ASN A 68 7.10 13.61 -11.43
C ASN A 68 8.25 14.40 -12.11
N PRO A 69 9.48 13.89 -12.03
CA PRO A 69 10.65 14.60 -12.57
C PRO A 69 10.74 14.42 -14.09
N ASP A 70 10.16 13.34 -14.57
CA ASP A 70 10.10 13.05 -15.99
C ASP A 70 8.81 13.66 -16.53
N GLU A 71 7.71 12.91 -16.46
CA GLU A 71 6.45 13.30 -17.09
C GLU A 71 5.79 14.59 -16.53
N GLY A 72 6.28 15.08 -15.38
CA GLY A 72 5.67 16.24 -14.73
C GLY A 72 4.54 15.90 -13.77
N ASP A 73 4.55 16.53 -12.61
CA ASP A 73 3.63 16.25 -11.47
C ASP A 73 2.15 15.91 -11.77
N ASP A 74 1.63 14.90 -11.07
CA ASP A 74 0.19 14.58 -11.08
C ASP A 74 -0.34 14.20 -9.70
N ILE A 75 -1.62 13.87 -9.61
CA ILE A 75 -2.26 13.52 -8.35
C ILE A 75 -3.00 12.17 -8.43
N ARG A 76 -2.42 11.16 -7.79
CA ARG A 76 -2.97 9.81 -7.81
C ARG A 76 -3.71 9.46 -6.52
N THR A 77 -4.71 8.57 -6.64
CA THR A 77 -5.53 8.12 -5.50
C THR A 77 -4.77 7.29 -4.48
N GLU A 78 -3.85 6.46 -4.97
CA GLU A 78 -3.05 5.60 -4.11
C GLU A 78 -2.38 6.43 -3.01
N GLY A 79 -1.51 7.34 -3.40
CA GLY A 79 -0.79 8.19 -2.45
C GLY A 79 -1.68 9.03 -1.55
N GLN A 80 -2.90 9.31 -2.02
CA GLN A 80 -3.88 10.06 -1.25
C GLN A 80 -4.44 9.22 -0.13
N SER A 81 -4.89 8.01 -0.48
CA SER A 81 -5.45 7.07 0.48
C SER A 81 -4.39 6.65 1.48
N TRP A 82 -3.14 6.61 1.02
CA TRP A 82 -2.01 6.40 1.91
C TRP A 82 -1.88 7.56 2.88
N GLY A 83 -2.03 8.77 2.38
CA GLY A 83 -1.92 9.95 3.21
C GLY A 83 -2.92 9.88 4.35
N MET A 84 -4.18 9.68 3.98
CA MET A 84 -5.26 9.52 4.93
C MET A 84 -4.92 8.44 5.97
N THR A 85 -4.33 7.34 5.49
CA THR A 85 -3.95 6.21 6.33
C THR A 85 -2.94 6.60 7.41
N ALA A 86 -1.85 7.22 6.97
CA ALA A 86 -0.83 7.71 7.89
C ALA A 86 -1.40 8.73 8.87
N ALA A 87 -2.23 9.63 8.36
CA ALA A 87 -2.89 10.63 9.21
C ALA A 87 -3.59 9.94 10.38
N VAL A 88 -4.58 9.10 10.07
CA VAL A 88 -5.33 8.37 11.09
C VAL A 88 -4.44 7.55 12.02
N MET A 89 -3.38 6.98 11.48
CA MET A 89 -2.46 6.20 12.31
C MET A 89 -1.71 7.09 13.32
N LEU A 90 -1.51 8.36 12.98
CA LEU A 90 -0.76 9.24 13.86
C LEU A 90 -1.65 10.27 14.52
N ASN A 91 -2.95 10.00 14.47
CA ASN A 91 -3.98 10.83 15.11
C ASN A 91 -4.03 12.28 14.56
N LYS A 92 -3.53 12.44 13.34
CA LYS A 92 -3.50 13.73 12.67
C LYS A 92 -4.82 13.87 11.93
N GLN A 93 -5.84 14.34 12.63
CA GLN A 93 -7.16 14.43 12.04
C GLN A 93 -7.36 15.64 11.14
N GLU A 94 -6.70 16.74 11.48
CA GLU A 94 -6.76 17.96 10.65
C GLU A 94 -6.37 17.64 9.22
N GLU A 95 -5.21 16.99 9.09
CA GLU A 95 -4.68 16.54 7.80
C GLU A 95 -5.61 15.54 7.12
N PHE A 96 -6.13 14.59 7.89
CA PHE A 96 -6.96 13.54 7.33
C PHE A 96 -8.11 14.11 6.51
N ASP A 97 -8.87 15.03 7.11
CA ASP A 97 -10.06 15.58 6.46
C ASP A 97 -9.69 16.45 5.28
N ASN A 98 -8.54 17.12 5.36
CA ASN A 98 -8.01 17.86 4.24
C ASN A 98 -7.93 16.97 3.00
N LEU A 99 -7.26 15.82 3.15
CA LEU A 99 -7.09 14.85 2.07
C LEU A 99 -8.39 14.16 1.67
N TRP A 100 -9.24 13.87 2.65
CA TRP A 100 -10.48 13.20 2.33
C TRP A 100 -11.46 14.14 1.61
N ARG A 101 -11.44 15.41 1.98
CA ARG A 101 -12.24 16.42 1.25
C ARG A 101 -11.85 16.44 -0.22
N PHE A 102 -10.55 16.55 -0.48
CA PHE A 102 -10.01 16.51 -1.83
C PHE A 102 -10.54 15.29 -2.55
N ALA A 103 -10.17 14.11 -2.04
CA ALA A 103 -10.60 12.85 -2.63
C ALA A 103 -12.08 12.82 -2.94
N LYS A 104 -12.92 12.98 -1.93
CA LYS A 104 -14.37 12.92 -2.11
C LYS A 104 -14.88 13.88 -3.20
N ALA A 105 -14.20 15.02 -3.35
CA ALA A 105 -14.64 16.08 -4.27
C ALA A 105 -14.08 15.94 -5.68
N TYR A 106 -12.78 15.71 -5.78
CA TYR A 106 -12.10 15.83 -7.05
C TYR A 106 -11.66 14.51 -7.66
N GLN A 107 -11.38 13.52 -6.81
CA GLN A 107 -10.99 12.22 -7.30
C GLN A 107 -12.20 11.35 -7.64
N LYS A 108 -13.34 11.65 -7.04
CA LYS A 108 -14.51 10.79 -7.17
C LYS A 108 -15.22 10.98 -8.52
N ASN A 109 -15.68 9.86 -9.06
CA ASN A 109 -16.50 9.86 -10.28
C ASN A 109 -17.98 9.87 -9.90
N PRO A 110 -18.74 10.81 -10.46
CA PRO A 110 -20.19 10.89 -10.21
C PRO A 110 -20.87 9.55 -10.47
N ASP A 111 -21.89 9.22 -9.68
CA ASP A 111 -22.54 7.91 -9.82
C ASP A 111 -23.46 7.86 -11.03
N ASN A 112 -23.62 8.99 -11.69
CA ASN A 112 -24.39 9.12 -12.93
C ASN A 112 -23.46 9.18 -14.15
N HIS A 113 -22.20 8.77 -13.95
CA HIS A 113 -21.22 8.63 -15.03
C HIS A 113 -21.72 7.68 -16.12
N PRO A 114 -21.65 8.12 -17.38
CA PRO A 114 -22.10 7.31 -18.51
C PRO A 114 -21.63 5.87 -18.36
N ASP A 115 -20.32 5.70 -18.13
CA ASP A 115 -19.69 4.40 -17.90
C ASP A 115 -20.03 3.87 -16.51
N ALA A 116 -20.75 2.75 -16.45
CA ALA A 116 -21.18 2.18 -15.18
C ALA A 116 -19.97 1.70 -14.38
N LYS A 117 -19.02 1.10 -15.09
CA LYS A 117 -17.79 0.59 -14.49
C LYS A 117 -16.90 1.68 -13.89
N LYS A 118 -17.27 2.95 -14.12
CA LYS A 118 -16.51 4.09 -13.64
C LYS A 118 -17.27 4.85 -12.56
N GLN A 119 -18.50 4.43 -12.28
CA GLN A 119 -19.42 5.17 -11.41
C GLN A 119 -19.06 5.08 -9.92
N GLY A 120 -18.75 6.23 -9.33
CA GLY A 120 -18.46 6.27 -7.91
C GLY A 120 -17.10 5.73 -7.53
N VAL A 121 -16.33 5.35 -8.55
CA VAL A 121 -14.95 4.91 -8.35
C VAL A 121 -14.14 6.18 -8.28
N TYR A 122 -12.83 6.06 -8.08
CA TYR A 122 -12.01 7.23 -7.90
C TYR A 122 -10.97 7.40 -9.01
N ALA A 123 -11.12 8.47 -9.78
CA ALA A 123 -10.19 8.79 -10.85
C ALA A 123 -8.75 8.70 -10.37
N TRP A 124 -7.96 7.87 -11.03
CA TRP A 124 -6.61 7.61 -10.58
C TRP A 124 -5.62 8.73 -10.87
N LYS A 125 -5.75 9.38 -12.03
CA LYS A 125 -4.88 10.50 -12.33
C LYS A 125 -5.63 11.81 -12.44
N LEU A 126 -5.18 12.77 -11.65
CA LEU A 126 -5.68 14.13 -11.70
C LEU A 126 -4.45 14.97 -11.95
N LYS A 127 -4.63 16.12 -12.58
CA LYS A 127 -3.49 17.00 -12.83
C LYS A 127 -3.87 18.46 -12.65
N LEU A 128 -2.87 19.32 -12.48
CA LEU A 128 -3.13 20.74 -12.33
C LEU A 128 -2.97 21.47 -13.65
N ASN A 129 -4.08 21.96 -14.19
CA ASN A 129 -4.05 22.80 -15.39
C ASN A 129 -3.34 24.12 -15.15
N GLN A 130 -2.65 24.62 -16.17
CA GLN A 130 -1.82 25.84 -16.05
C GLN A 130 -2.63 27.02 -15.49
N ASN A 131 -3.95 26.96 -15.70
CA ASN A 131 -4.90 27.93 -15.17
C ASN A 131 -4.96 27.98 -13.64
N GLY A 132 -4.62 26.85 -13.00
CA GLY A 132 -4.54 26.73 -11.54
C GLY A 132 -5.48 25.72 -10.86
N PHE A 133 -6.16 24.89 -11.65
CA PHE A 133 -7.23 24.03 -11.14
C PHE A 133 -7.02 22.53 -11.34
N VAL A 134 -7.79 21.74 -10.61
CA VAL A 134 -7.76 20.29 -10.73
C VAL A 134 -8.68 19.82 -11.86
N TYR A 135 -8.25 18.75 -12.54
CA TYR A 135 -9.04 18.07 -13.57
C TYR A 135 -8.58 16.61 -13.69
N LYS A 136 -9.48 15.74 -14.19
CA LYS A 136 -9.19 14.31 -14.35
C LYS A 136 -8.35 13.99 -15.58
N VAL A 137 -7.16 13.46 -15.37
CA VAL A 137 -6.31 13.01 -16.48
C VAL A 137 -6.68 11.58 -16.85
N ASP A 138 -6.99 10.76 -15.85
CA ASP A 138 -7.47 9.40 -16.05
C ASP A 138 -8.60 9.11 -15.07
N GLU A 139 -9.74 8.70 -15.62
CA GLU A 139 -10.98 8.47 -14.86
C GLU A 139 -11.13 7.04 -14.35
N GLY A 140 -10.16 6.19 -14.71
CA GLY A 140 -10.17 4.80 -14.28
C GLY A 140 -9.56 4.64 -12.89
N PRO A 141 -10.05 3.67 -12.11
CA PRO A 141 -9.59 3.50 -10.72
C PRO A 141 -8.18 2.93 -10.61
N ALA A 142 -7.52 3.21 -9.51
CA ALA A 142 -6.39 2.40 -9.05
C ALA A 142 -6.92 1.71 -7.79
N PRO A 143 -7.53 0.53 -7.96
CA PRO A 143 -8.41 -0.04 -6.93
C PRO A 143 -7.80 -0.11 -5.53
N ALA A 144 -6.47 -0.13 -5.47
CA ALA A 144 -5.71 -0.14 -4.22
C ALA A 144 -5.99 1.11 -3.37
N GLY A 145 -6.17 2.24 -4.04
CA GLY A 145 -6.55 3.50 -3.40
C GLY A 145 -7.88 3.36 -2.70
N GLU A 146 -8.92 3.01 -3.45
CA GLU A 146 -10.23 2.77 -2.87
C GLU A 146 -10.10 1.75 -1.74
N GLU A 147 -9.25 0.76 -1.93
CA GLU A 147 -9.03 -0.24 -0.90
C GLU A 147 -8.62 0.44 0.39
N TYR A 148 -7.59 1.28 0.31
CA TYR A 148 -7.03 2.00 1.46
C TYR A 148 -7.92 3.15 1.87
N PHE A 149 -8.65 3.72 0.91
CA PHE A 149 -9.60 4.78 1.19
C PHE A 149 -10.55 4.23 2.22
N ALA A 150 -11.06 3.03 1.98
CA ALA A 150 -12.08 2.42 2.83
C ALA A 150 -11.48 2.12 4.19
N PHE A 151 -10.32 1.48 4.17
CA PHE A 151 -9.59 1.12 5.39
C PHE A 151 -9.32 2.37 6.22
N ALA A 152 -8.81 3.42 5.57
CA ALA A 152 -8.49 4.67 6.25
C ALA A 152 -9.73 5.23 6.94
N LEU A 153 -10.87 5.13 6.26
CA LEU A 153 -12.10 5.73 6.73
C LEU A 153 -12.73 4.97 7.90
N LEU A 154 -12.72 3.64 7.82
CA LEU A 154 -13.17 2.79 8.92
C LEU A 154 -12.42 3.10 10.22
N ASN A 155 -11.10 3.28 10.09
CA ASN A 155 -10.28 3.66 11.22
C ASN A 155 -10.60 5.08 11.69
N ALA A 156 -10.61 6.02 10.74
CA ALA A 156 -10.94 7.41 11.05
C ALA A 156 -12.17 7.48 11.94
N SER A 157 -13.25 6.83 11.48
CA SER A 157 -14.49 6.68 12.24
C SER A 157 -14.22 6.18 13.65
N ALA A 158 -13.61 5.01 13.75
CA ALA A 158 -13.34 4.37 15.04
C ALA A 158 -12.52 5.24 15.99
N ARG A 159 -11.61 6.03 15.43
CA ARG A 159 -10.71 6.84 16.24
C ARG A 159 -11.37 8.13 16.70
N TRP A 160 -11.99 8.84 15.76
CA TRP A 160 -12.45 10.20 16.01
C TRP A 160 -13.95 10.34 16.09
N GLY A 161 -14.67 9.35 15.58
CA GLY A 161 -16.13 9.45 15.54
C GLY A 161 -16.58 10.22 14.31
N ASN A 162 -17.89 10.14 14.05
CA ASN A 162 -18.45 10.63 12.78
C ASN A 162 -19.37 11.85 12.95
N SER A 163 -19.22 12.56 14.08
CA SER A 163 -20.00 13.76 14.37
C SER A 163 -19.30 15.04 13.93
N GLY A 164 -18.20 14.90 13.18
CA GLY A 164 -17.37 16.03 12.83
C GLY A 164 -17.77 16.69 11.52
N GLU A 165 -16.81 16.96 10.65
CA GLU A 165 -17.11 17.38 9.28
C GLU A 165 -17.61 16.17 8.49
N PHE A 166 -16.88 15.06 8.56
CA PHE A 166 -17.16 13.88 7.75
C PHE A 166 -17.71 12.73 8.57
N ASN A 167 -18.76 12.10 8.06
CA ASN A 167 -19.23 10.86 8.66
C ASN A 167 -18.41 9.71 8.08
N TYR A 168 -17.20 9.57 8.63
CA TYR A 168 -16.21 8.63 8.12
C TYR A 168 -16.81 7.27 7.94
N TYR A 169 -17.66 6.86 8.89
CA TYR A 169 -18.15 5.49 8.88
C TYR A 169 -19.04 5.21 7.67
N ASN A 170 -19.88 6.16 7.33
CA ASN A 170 -20.70 6.06 6.14
C ASN A 170 -19.84 6.19 4.92
N ASP A 171 -19.05 7.26 4.86
CA ASP A 171 -18.09 7.41 3.77
C ASP A 171 -17.39 6.08 3.52
N ALA A 172 -17.03 5.39 4.61
CA ALA A 172 -16.35 4.12 4.53
C ALA A 172 -17.20 3.02 3.90
N ILE A 173 -18.49 2.98 4.26
CA ILE A 173 -19.35 1.94 3.71
C ILE A 173 -19.49 2.12 2.21
N THR A 174 -19.90 3.32 1.79
CA THR A 174 -19.95 3.65 0.37
C THR A 174 -18.76 3.04 -0.38
N MET A 175 -17.57 3.41 0.07
CA MET A 175 -16.33 2.92 -0.52
C MET A 175 -16.30 1.41 -0.62
N LEU A 176 -16.65 0.76 0.50
CA LEU A 176 -16.64 -0.69 0.57
C LEU A 176 -17.61 -1.28 -0.44
N ASN A 177 -18.79 -0.67 -0.55
CA ASN A 177 -19.77 -1.08 -1.53
C ASN A 177 -19.18 -0.88 -2.93
N THR A 178 -18.57 0.29 -3.17
CA THR A 178 -17.91 0.55 -4.47
C THR A 178 -16.94 -0.55 -4.86
N ILE A 179 -16.02 -0.90 -3.95
CA ILE A 179 -15.06 -1.98 -4.18
C ILE A 179 -15.77 -3.30 -4.53
N LYS A 180 -16.79 -3.65 -3.75
CA LYS A 180 -17.58 -4.84 -4.06
C LYS A 180 -18.11 -4.74 -5.48
N ASN A 181 -18.78 -3.62 -5.76
CA ASN A 181 -19.53 -3.43 -7.00
C ASN A 181 -18.73 -3.06 -8.24
N LYS A 182 -17.54 -2.49 -8.07
CA LYS A 182 -16.79 -2.00 -9.23
C LYS A 182 -15.34 -2.47 -9.34
N LEU A 183 -14.80 -3.06 -8.27
CA LEU A 183 -13.37 -3.36 -8.24
C LEU A 183 -13.02 -4.84 -7.97
N MET A 184 -14.03 -5.71 -8.03
CA MET A 184 -13.86 -7.12 -7.74
C MET A 184 -14.19 -8.00 -8.94
N GLU A 185 -13.79 -9.27 -8.86
CA GLU A 185 -14.24 -10.33 -9.77
C GLU A 185 -14.07 -11.65 -9.03
N ASN A 186 -15.16 -12.36 -8.82
CA ASN A 186 -15.16 -13.52 -7.93
C ASN A 186 -14.33 -13.24 -6.66
N GLN A 187 -14.58 -12.06 -6.09
CA GLN A 187 -14.03 -11.64 -4.81
C GLN A 187 -12.48 -11.46 -4.80
N ILE A 188 -11.91 -11.31 -5.99
CA ILE A 188 -10.49 -11.00 -6.14
C ILE A 188 -10.36 -9.63 -6.79
N ILE A 189 -9.70 -8.70 -6.09
CA ILE A 189 -9.62 -7.31 -6.52
C ILE A 189 -9.06 -7.17 -7.94
N ARG A 190 -9.80 -6.43 -8.77
CA ARG A 190 -9.45 -6.22 -10.17
C ARG A 190 -8.17 -5.42 -10.31
N PHE A 191 -7.39 -5.71 -11.34
CA PHE A 191 -6.34 -4.79 -11.75
C PHE A 191 -6.99 -3.63 -12.50
N SER A 192 -8.16 -3.89 -13.08
CA SER A 192 -8.95 -2.88 -13.76
C SER A 192 -10.34 -3.48 -13.93
N PRO A 193 -11.36 -2.63 -14.09
CA PRO A 193 -12.73 -3.10 -14.34
C PRO A 193 -12.96 -3.64 -15.75
N TYR A 194 -12.01 -3.36 -16.64
CA TYR A 194 -12.18 -3.69 -18.04
C TYR A 194 -11.56 -5.02 -18.47
N ILE A 195 -10.50 -5.44 -17.78
CA ILE A 195 -9.89 -6.75 -18.02
C ILE A 195 -10.39 -7.79 -17.02
N ASP A 196 -10.48 -9.06 -17.44
CA ASP A 196 -10.91 -10.14 -16.55
C ASP A 196 -9.79 -11.15 -16.31
N ASN A 197 -10.04 -12.10 -15.39
CA ASN A 197 -9.00 -12.96 -14.82
C ASN A 197 -7.69 -12.20 -14.74
N LEU A 198 -7.73 -11.11 -13.98
CA LEU A 198 -6.55 -10.28 -13.79
C LEU A 198 -6.58 -9.66 -12.43
N THR A 199 -5.45 -9.79 -11.75
CA THR A 199 -5.23 -9.10 -10.50
C THR A 199 -3.78 -8.62 -10.42
N ASP A 200 -3.53 -7.73 -9.48
CA ASP A 200 -2.22 -7.21 -9.20
C ASP A 200 -1.92 -7.69 -7.79
N PRO A 201 -0.92 -8.56 -7.62
CA PRO A 201 -0.67 -9.15 -6.30
C PRO A 201 -0.46 -8.06 -5.24
N SER A 202 0.08 -6.91 -5.65
CA SER A 202 0.37 -5.83 -4.73
C SER A 202 -0.88 -5.13 -4.18
N TYR A 203 -2.06 -5.52 -4.66
CA TYR A 203 -3.29 -4.91 -4.17
C TYR A 203 -3.87 -5.73 -3.03
N HIS A 204 -3.52 -7.01 -3.00
CA HIS A 204 -4.00 -7.92 -1.96
C HIS A 204 -3.46 -7.54 -0.60
N ILE A 205 -4.37 -7.24 0.32
CA ILE A 205 -4.00 -6.98 1.70
C ILE A 205 -4.97 -7.75 2.62
N PRO A 206 -4.83 -9.08 2.64
CA PRO A 206 -5.79 -9.99 3.29
C PRO A 206 -6.36 -9.46 4.61
N ALA A 207 -5.48 -8.99 5.50
CA ALA A 207 -5.88 -8.40 6.77
C ALA A 207 -6.90 -7.27 6.68
N PHE A 208 -6.80 -6.42 5.65
CA PHE A 208 -7.74 -5.32 5.45
C PHE A 208 -9.14 -5.84 5.31
N TYR A 209 -9.29 -6.90 4.51
CA TYR A 209 -10.59 -7.53 4.28
C TYR A 209 -11.17 -8.06 5.59
N ASP A 210 -10.39 -8.89 6.30
CA ASP A 210 -10.73 -9.34 7.65
C ASP A 210 -11.21 -8.16 8.51
N TYR A 211 -10.47 -7.05 8.44
CA TYR A 211 -10.80 -5.85 9.22
C TYR A 211 -12.14 -5.27 8.79
N PHE A 212 -12.29 -5.04 7.47
CA PHE A 212 -13.56 -4.60 6.89
C PHE A 212 -14.70 -5.39 7.46
N ALA A 213 -14.56 -6.71 7.42
CA ALA A 213 -15.59 -7.62 7.89
C ALA A 213 -16.01 -7.33 9.32
N ASN A 214 -15.05 -7.09 10.19
CA ASN A 214 -15.38 -6.86 11.60
C ASN A 214 -16.02 -5.50 11.83
N ASN A 215 -15.98 -4.65 10.81
CA ASN A 215 -16.49 -3.30 10.95
C ASN A 215 -17.77 -3.04 10.18
N VAL A 216 -18.27 -4.08 9.51
CA VAL A 216 -19.60 -4.05 8.89
C VAL A 216 -20.55 -4.82 9.81
N THR A 217 -21.78 -4.34 9.94
CA THR A 217 -22.70 -4.81 10.99
C THR A 217 -23.56 -6.00 10.61
N ASN A 218 -24.10 -5.98 9.39
CA ASN A 218 -24.98 -7.07 8.96
C ASN A 218 -24.23 -8.35 8.53
N GLN A 219 -24.87 -9.49 8.83
CA GLN A 219 -24.23 -10.80 8.79
C GLN A 219 -23.89 -11.26 7.38
N ALA A 220 -24.59 -10.72 6.39
CA ALA A 220 -24.29 -11.01 4.99
C ALA A 220 -22.92 -10.47 4.64
N ASP A 221 -22.74 -9.17 4.87
CA ASP A 221 -21.51 -8.46 4.52
C ASP A 221 -20.27 -8.91 5.27
N LYS A 222 -20.44 -9.30 6.54
CA LYS A 222 -19.33 -9.88 7.29
C LYS A 222 -18.75 -11.06 6.51
N ASN A 223 -19.64 -11.92 6.02
CA ASN A 223 -19.22 -13.08 5.24
C ASN A 223 -18.53 -12.72 3.93
N TYR A 224 -19.11 -11.78 3.19
CA TYR A 224 -18.52 -11.29 1.94
C TYR A 224 -17.04 -11.03 2.13
N TRP A 225 -16.73 -10.11 3.04
CA TRP A 225 -15.35 -9.69 3.29
C TRP A 225 -14.46 -10.77 3.90
N ARG A 226 -15.00 -11.56 4.83
CA ARG A 226 -14.28 -12.72 5.37
C ARG A 226 -13.89 -13.69 4.25
N GLN A 227 -14.80 -13.87 3.29
CA GLN A 227 -14.52 -14.63 2.06
C GLN A 227 -13.40 -13.99 1.25
N VAL A 228 -13.53 -12.69 0.97
CA VAL A 228 -12.52 -11.95 0.20
C VAL A 228 -11.12 -12.12 0.83
N ALA A 229 -11.08 -12.20 2.17
CA ALA A 229 -9.83 -12.37 2.91
C ALA A 229 -9.25 -13.77 2.71
N THR A 230 -10.12 -14.77 2.82
CA THR A 230 -9.77 -16.16 2.58
C THR A 230 -9.13 -16.32 1.19
N LYS A 231 -9.85 -15.85 0.17
CA LYS A 231 -9.43 -15.94 -1.22
C LYS A 231 -8.12 -15.19 -1.48
N SER A 232 -7.94 -14.06 -0.80
CA SER A 232 -6.78 -13.16 -0.99
C SER A 232 -5.47 -13.80 -0.49
N ARG A 233 -5.56 -14.49 0.63
CA ARG A 233 -4.43 -15.22 1.19
C ARG A 233 -4.08 -16.36 0.25
N THR A 234 -5.12 -17.12 -0.09
CA THR A 234 -5.06 -18.18 -1.07
C THR A 234 -4.34 -17.69 -2.31
N LEU A 235 -4.74 -16.52 -2.81
CA LEU A 235 -4.14 -15.91 -4.00
C LEU A 235 -2.65 -15.66 -3.85
N LEU A 236 -2.27 -15.01 -2.75
CA LEU A 236 -0.88 -14.74 -2.47
C LEU A 236 -0.10 -16.05 -2.22
N LYS A 237 -0.72 -16.97 -1.50
CA LYS A 237 -0.15 -18.28 -1.28
C LYS A 237 0.20 -18.88 -2.63
N ASN A 238 -0.81 -19.04 -3.49
CA ASN A 238 -0.58 -19.64 -4.78
C ASN A 238 0.46 -18.85 -5.57
N HIS A 239 0.23 -17.54 -5.74
CA HIS A 239 1.20 -16.68 -6.43
C HIS A 239 2.63 -16.92 -5.93
N PHE A 240 2.78 -17.04 -4.62
CA PHE A 240 4.10 -17.26 -4.05
C PHE A 240 4.62 -18.66 -4.29
N THR A 241 3.72 -19.65 -4.28
CA THR A 241 4.10 -21.00 -4.69
C THR A 241 4.61 -20.95 -6.12
N LYS A 242 3.86 -20.28 -6.99
CA LYS A 242 4.17 -20.27 -8.41
C LYS A 242 5.49 -19.58 -8.70
N VAL A 243 5.86 -18.55 -7.93
CA VAL A 243 7.16 -17.88 -8.17
C VAL A 243 8.39 -18.58 -7.57
N SER A 244 8.17 -19.65 -6.80
CA SER A 244 9.24 -20.39 -6.14
C SER A 244 10.30 -20.93 -7.09
N GLY A 245 11.57 -20.65 -6.79
CA GLY A 245 12.71 -21.09 -7.59
C GLY A 245 12.64 -20.74 -9.07
N SER A 246 13.27 -21.58 -9.90
CA SER A 246 13.16 -21.43 -11.35
C SER A 246 11.71 -21.62 -11.82
N PRO A 247 11.23 -20.74 -12.69
CA PRO A 247 12.02 -19.71 -13.36
C PRO A 247 12.01 -18.30 -12.75
N HIS A 248 11.33 -18.11 -11.61
CA HIS A 248 11.03 -16.76 -11.11
C HIS A 248 11.87 -16.30 -9.93
N TRP A 249 12.45 -17.27 -9.23
CA TRP A 249 13.37 -17.04 -8.12
C TRP A 249 12.77 -16.26 -6.94
N ASN A 250 11.53 -16.60 -6.61
CA ASN A 250 10.89 -16.22 -5.35
C ASN A 250 10.51 -14.76 -5.16
N LEU A 251 10.56 -14.00 -6.24
CA LEU A 251 10.10 -12.62 -6.27
C LEU A 251 8.72 -12.55 -6.91
N PRO A 252 7.74 -11.95 -6.24
CA PRO A 252 6.38 -11.78 -6.78
C PRO A 252 6.37 -10.88 -8.01
N THR A 253 5.29 -10.90 -8.77
CA THR A 253 5.26 -10.20 -10.07
C THR A 253 4.19 -9.12 -10.19
N PHE A 254 4.34 -8.32 -11.23
CA PHE A 254 3.47 -7.17 -11.49
C PHE A 254 2.00 -7.54 -11.65
N LEU A 255 1.73 -8.55 -12.46
CA LEU A 255 0.36 -8.98 -12.71
C LEU A 255 0.17 -10.47 -12.44
N SER A 256 -1.07 -10.85 -12.15
CA SER A 256 -1.37 -12.25 -11.85
C SER A 256 -2.74 -12.65 -12.35
N ARG A 257 -2.84 -13.90 -12.77
CA ARG A 257 -4.11 -14.52 -13.02
C ARG A 257 -4.67 -14.94 -11.67
N LEU A 258 -5.98 -15.05 -11.58
CA LEU A 258 -6.65 -15.36 -10.31
C LEU A 258 -6.22 -16.69 -9.69
N ASP A 259 -5.59 -17.55 -10.48
CA ASP A 259 -5.07 -18.79 -9.95
C ASP A 259 -3.73 -18.55 -9.27
N GLY A 260 -3.13 -17.40 -9.57
CA GLY A 260 -1.86 -17.02 -8.99
C GLY A 260 -0.70 -17.17 -9.95
N SER A 261 -1.00 -17.38 -11.23
CA SER A 261 0.04 -17.44 -12.25
C SER A 261 0.50 -16.05 -12.62
N PRO A 262 1.82 -15.84 -12.68
CA PRO A 262 2.36 -14.57 -13.18
C PRO A 262 1.96 -14.37 -14.64
N VAL A 263 1.31 -13.26 -14.92
CA VAL A 263 0.93 -12.96 -16.29
C VAL A 263 2.18 -12.71 -17.13
N ILE A 264 2.49 -13.64 -18.03
CA ILE A 264 3.72 -13.54 -18.83
C ILE A 264 3.55 -12.50 -19.94
N GLY A 265 4.54 -11.65 -20.09
CA GLY A 265 4.53 -10.64 -21.14
C GLY A 265 3.35 -9.67 -21.12
N TYR A 266 3.13 -9.03 -22.25
CA TYR A 266 2.04 -8.05 -22.40
C TYR A 266 0.71 -8.76 -22.69
N ILE A 267 -0.37 -8.26 -22.09
CA ILE A 267 -1.71 -8.81 -22.32
C ILE A 267 -2.79 -7.75 -22.54
N PHE A 268 -2.37 -6.48 -22.61
CA PHE A 268 -3.27 -5.36 -22.86
C PHE A 268 -2.52 -4.08 -23.16
N ASN A 269 -3.13 -3.22 -23.95
CA ASN A 269 -2.52 -1.96 -24.36
C ASN A 269 -2.34 -0.97 -23.21
N GLY A 270 -1.11 -0.46 -23.07
CA GLY A 270 -0.79 0.52 -22.06
C GLY A 270 0.06 -0.08 -20.97
N GLN A 271 -0.16 -1.36 -20.71
CA GLN A 271 0.61 -2.14 -19.74
C GLN A 271 2.07 -1.71 -19.75
N ALA A 272 2.48 -0.99 -18.71
CA ALA A 272 3.82 -0.41 -18.67
C ALA A 272 4.87 -1.47 -18.89
N ASN A 273 4.75 -2.56 -18.13
CA ASN A 273 5.77 -3.59 -18.11
C ASN A 273 5.15 -4.97 -18.26
N PRO A 274 5.97 -5.97 -18.62
CA PRO A 274 5.47 -7.33 -18.77
C PRO A 274 5.04 -7.84 -17.39
N GLY A 275 4.00 -8.66 -17.36
CA GLY A 275 3.35 -9.04 -16.12
C GLY A 275 4.22 -9.81 -15.15
N GLN A 276 5.22 -10.52 -15.69
CA GLN A 276 6.08 -11.40 -14.89
C GLN A 276 7.26 -10.70 -14.21
N TRP A 277 7.40 -9.38 -14.39
CA TRP A 277 8.45 -8.59 -13.75
C TRP A 277 8.18 -8.41 -12.25
N TYR A 278 9.23 -8.52 -11.43
CA TYR A 278 9.16 -7.99 -10.08
C TYR A 278 9.51 -6.52 -10.21
N GLU A 279 8.52 -5.67 -10.05
CA GLU A 279 8.73 -4.23 -10.23
C GLU A 279 8.03 -3.38 -9.16
N PHE A 280 7.86 -2.10 -9.48
CA PHE A 280 7.40 -1.09 -8.54
C PHE A 280 6.20 -1.50 -7.73
N ASP A 281 5.26 -2.17 -8.38
CA ASP A 281 4.07 -2.67 -7.69
C ASP A 281 4.45 -3.87 -6.85
N ALA A 282 5.10 -4.85 -7.49
CA ALA A 282 5.52 -6.11 -6.86
C ALA A 282 6.40 -5.88 -5.62
N TRP A 283 7.14 -4.76 -5.62
CA TRP A 283 7.85 -4.30 -4.44
C TRP A 283 7.03 -4.45 -3.18
N ARG A 284 5.72 -4.26 -3.29
CA ARG A 284 4.85 -4.15 -2.13
C ARG A 284 4.29 -5.49 -1.62
N VAL A 285 4.47 -6.57 -2.38
CA VAL A 285 3.78 -7.81 -2.03
C VAL A 285 4.24 -8.36 -0.70
N ILE A 286 5.56 -8.47 -0.51
CA ILE A 286 6.12 -8.93 0.77
C ILE A 286 5.90 -7.92 1.91
N MET A 287 5.85 -6.63 1.58
CA MET A 287 5.41 -5.59 2.51
C MET A 287 3.99 -5.89 3.02
N ASN A 288 3.08 -6.21 2.10
CA ASN A 288 1.73 -6.61 2.46
C ASN A 288 1.67 -7.90 3.27
N VAL A 289 2.53 -8.86 2.91
CA VAL A 289 2.62 -10.11 3.65
C VAL A 289 3.03 -9.84 5.10
N GLY A 290 4.11 -9.09 5.28
CA GLY A 290 4.50 -8.65 6.61
C GLY A 290 3.32 -8.08 7.38
N LEU A 291 2.69 -7.05 6.80
CA LEU A 291 1.51 -6.42 7.40
C LEU A 291 0.51 -7.47 7.84
N ASP A 292 0.27 -8.44 6.94
CA ASP A 292 -0.70 -9.51 7.20
C ASP A 292 -0.23 -10.42 8.30
N ALA A 293 0.98 -10.96 8.16
CA ALA A 293 1.61 -11.79 9.19
C ALA A 293 1.57 -11.11 10.55
N HIS A 294 1.70 -9.79 10.55
CA HIS A 294 1.70 -9.01 11.79
C HIS A 294 0.29 -8.96 12.35
N LEU A 295 -0.63 -8.48 11.53
CA LEU A 295 -1.96 -8.17 12.00
C LEU A 295 -2.81 -9.42 12.19
N MET A 296 -2.71 -10.36 11.24
CA MET A 296 -3.58 -11.53 11.22
C MET A 296 -2.90 -12.82 11.69
N GLY A 297 -1.58 -12.79 11.86
CA GLY A 297 -0.83 -13.94 12.31
C GLY A 297 -0.02 -14.53 11.17
N ALA A 298 1.15 -15.07 11.51
CA ALA A 298 2.04 -15.63 10.49
C ALA A 298 1.83 -17.12 10.32
N GLN A 299 1.28 -17.51 9.17
CA GLN A 299 1.31 -18.89 8.72
C GLN A 299 2.63 -19.14 7.97
N ALA A 300 2.89 -20.40 7.60
CA ALA A 300 4.15 -20.77 6.98
C ALA A 300 4.38 -20.06 5.64
N TRP A 301 3.33 -20.01 4.82
CA TRP A 301 3.43 -19.37 3.51
C TRP A 301 3.99 -17.96 3.64
N HIS A 302 3.46 -17.19 4.58
CA HIS A 302 3.97 -15.86 4.89
C HIS A 302 5.48 -15.97 4.97
N LYS A 303 5.94 -16.78 5.93
CA LYS A 303 7.35 -16.90 6.30
C LYS A 303 8.19 -17.22 5.08
N SER A 304 7.80 -18.28 4.38
CA SER A 304 8.52 -18.70 3.19
C SER A 304 8.58 -17.54 2.21
N ALA A 305 7.43 -16.89 2.03
CA ALA A 305 7.23 -15.84 1.03
C ALA A 305 8.20 -14.69 1.19
N VAL A 306 8.24 -14.12 2.39
CA VAL A 306 9.12 -12.98 2.68
C VAL A 306 10.58 -13.42 2.66
N ASN A 307 10.88 -14.49 3.41
CA ASN A 307 12.24 -15.05 3.48
C ASN A 307 12.92 -15.23 2.12
N LYS A 308 12.34 -16.12 1.30
CA LYS A 308 12.88 -16.43 -0.01
C LYS A 308 13.02 -15.20 -0.89
N ALA A 309 12.00 -14.32 -0.86
CA ALA A 309 12.05 -13.08 -1.61
C ALA A 309 13.28 -12.34 -1.15
N LEU A 310 13.29 -12.01 0.15
CA LEU A 310 14.38 -11.27 0.78
C LEU A 310 15.73 -11.94 0.51
N GLY A 311 15.75 -13.26 0.67
CA GLY A 311 16.90 -14.08 0.35
C GLY A 311 17.46 -13.80 -1.03
N PHE A 312 16.60 -13.79 -2.04
CA PHE A 312 17.07 -13.54 -3.41
C PHE A 312 17.69 -12.16 -3.52
N LEU A 313 17.00 -11.16 -2.98
CA LEU A 313 17.48 -9.79 -3.01
C LEU A 313 18.84 -9.71 -2.32
N SER A 314 18.97 -10.48 -1.23
CA SER A 314 20.22 -10.59 -0.48
C SER A 314 21.26 -11.23 -1.38
N TYR A 315 20.95 -12.41 -1.89
CA TYR A 315 21.85 -13.16 -2.78
C TYR A 315 22.23 -12.34 -4.00
N ALA A 316 21.29 -11.57 -4.52
CA ALA A 316 21.51 -10.72 -5.69
C ALA A 316 22.50 -9.60 -5.41
N LYS A 317 22.53 -9.12 -4.17
CA LYS A 317 23.41 -8.01 -3.76
C LYS A 317 24.89 -8.33 -3.97
N THR A 318 25.23 -9.62 -3.91
CA THR A 318 26.58 -10.11 -4.21
C THR A 318 26.78 -10.28 -5.72
N ASN A 319 25.73 -10.69 -6.42
CA ASN A 319 25.75 -10.78 -7.87
C ASN A 319 25.85 -9.41 -8.56
N ASN A 320 26.30 -8.38 -7.82
CA ASN A 320 26.33 -7.03 -8.38
C ASN A 320 27.59 -6.21 -8.12
N SER A 321 28.08 -5.60 -9.18
CA SER A 321 29.27 -4.72 -9.13
C SER A 321 29.03 -3.46 -8.30
N LYS A 322 27.82 -2.91 -8.39
CA LYS A 322 27.42 -1.73 -7.63
C LYS A 322 26.98 -2.09 -6.20
N ASN A 323 27.11 -3.38 -5.86
CA ASN A 323 26.96 -3.88 -4.48
C ASN A 323 25.58 -3.59 -3.83
N CYS A 324 24.54 -4.06 -4.50
CA CYS A 324 23.15 -3.74 -4.16
C CYS A 324 22.24 -4.72 -4.88
N TYR A 325 20.95 -4.73 -4.52
CA TYR A 325 19.94 -5.37 -5.37
C TYR A 325 19.25 -4.32 -6.24
N GLU A 326 18.72 -4.74 -7.37
CA GLU A 326 18.18 -3.83 -8.38
C GLU A 326 16.68 -3.57 -8.24
N GLN A 327 16.21 -2.55 -8.96
CA GLN A 327 14.83 -2.07 -8.89
C GLN A 327 13.84 -3.00 -9.57
N VAL A 328 14.26 -3.62 -10.67
CA VAL A 328 13.42 -4.55 -11.44
C VAL A 328 14.16 -5.84 -11.78
N TYR A 329 13.44 -6.95 -11.63
CA TYR A 329 13.97 -8.30 -11.85
C TYR A 329 12.99 -9.16 -12.64
N SER A 330 13.45 -9.68 -13.78
CA SER A 330 12.64 -10.58 -14.60
C SER A 330 13.23 -11.99 -14.61
N TYR A 331 12.36 -12.97 -14.35
CA TYR A 331 12.75 -14.37 -14.23
C TYR A 331 14.06 -14.53 -13.46
N GLY A 332 14.24 -13.73 -12.40
CA GLY A 332 15.44 -13.78 -11.58
C GLY A 332 16.64 -13.06 -12.16
N GLY A 333 16.46 -12.36 -13.28
CA GLY A 333 17.54 -11.63 -13.92
C GLY A 333 17.36 -10.13 -13.83
N ALA A 334 18.45 -9.44 -13.55
CA ALA A 334 18.44 -7.99 -13.38
C ALA A 334 18.07 -7.24 -14.66
N GLN A 335 16.96 -6.50 -14.60
CA GLN A 335 16.48 -5.70 -15.73
C GLN A 335 17.17 -4.35 -15.83
N ASN A 336 18.32 -4.23 -15.20
CA ASN A 336 19.12 -3.00 -15.21
C ASN A 336 18.25 -1.74 -15.07
N ARG A 337 17.74 -1.52 -13.87
CA ARG A 337 16.96 -0.32 -13.57
C ARG A 337 17.50 0.39 -12.34
N GLY A 338 18.82 0.33 -12.16
CA GLY A 338 19.47 0.96 -11.02
C GLY A 338 19.28 0.18 -9.73
N CYS A 339 20.01 0.60 -8.71
CA CYS A 339 19.94 0.00 -7.39
C CYS A 339 18.63 0.40 -6.69
N ALA A 340 18.18 -0.48 -5.81
CA ALA A 340 16.94 -0.28 -5.06
C ALA A 340 16.93 1.04 -4.30
N GLY A 341 15.80 1.75 -4.42
CA GLY A 341 15.61 3.04 -3.76
C GLY A 341 15.12 2.91 -2.33
N GLU A 342 14.74 4.02 -1.71
CA GLU A 342 14.33 3.98 -0.31
C GLU A 342 13.01 3.24 -0.11
N GLY A 343 12.07 3.49 -1.00
CA GLY A 343 10.76 2.87 -0.97
C GLY A 343 10.80 1.36 -1.08
N GLN A 344 11.72 0.85 -1.90
CA GLN A 344 11.89 -0.60 -2.05
C GLN A 344 12.53 -1.18 -0.81
N LYS A 345 13.46 -0.42 -0.23
CA LYS A 345 14.11 -0.81 1.00
C LYS A 345 13.11 -0.74 2.15
N ALA A 346 12.26 0.29 2.11
CA ALA A 346 11.20 0.46 3.07
C ALA A 346 10.22 -0.72 3.00
N ALA A 347 9.81 -1.08 1.78
CA ALA A 347 8.97 -2.24 1.58
C ALA A 347 9.55 -3.45 2.31
N ASN A 348 10.78 -3.80 1.97
CA ASN A 348 11.44 -4.98 2.54
C ASN A 348 11.60 -4.94 4.05
N ALA A 349 11.68 -3.73 4.62
CA ALA A 349 11.76 -3.58 6.07
C ALA A 349 10.51 -4.12 6.79
N VAL A 350 9.34 -3.80 6.25
CA VAL A 350 8.06 -4.31 6.78
C VAL A 350 8.00 -5.84 6.62
N ALA A 351 8.46 -6.34 5.48
CA ALA A 351 8.40 -7.76 5.15
C ALA A 351 8.97 -8.62 6.27
N LEU A 352 9.91 -8.03 7.01
CA LEU A 352 10.55 -8.71 8.14
C LEU A 352 9.61 -9.09 9.26
N LEU A 353 8.37 -8.60 9.22
CA LEU A 353 7.39 -8.94 10.24
C LEU A 353 6.88 -10.37 10.09
N ALA A 354 7.18 -10.96 8.93
CA ALA A 354 6.91 -12.37 8.67
C ALA A 354 8.23 -13.15 8.54
N SER A 355 9.34 -12.42 8.44
CA SER A 355 10.66 -13.03 8.32
C SER A 355 10.98 -13.86 9.57
N THR A 356 11.86 -14.86 9.41
CA THR A 356 12.36 -15.63 10.55
C THR A 356 13.89 -15.62 10.67
N ASN A 357 14.57 -15.32 9.58
CA ASN A 357 16.03 -15.25 9.60
C ASN A 357 16.53 -13.94 10.21
N ALA A 358 16.94 -14.01 11.48
CA ALA A 358 17.35 -12.83 12.25
C ALA A 358 18.56 -12.13 11.65
N GLY A 359 19.49 -12.92 11.11
CA GLY A 359 20.64 -12.35 10.44
C GLY A 359 20.19 -11.49 9.28
N GLN A 360 19.37 -12.09 8.41
CA GLN A 360 18.72 -11.45 7.27
C GLN A 360 18.02 -10.16 7.68
N ALA A 361 17.16 -10.29 8.70
CA ALA A 361 16.39 -9.18 9.28
C ALA A 361 17.26 -7.96 9.58
N ASN A 362 18.38 -8.17 10.27
CA ASN A 362 19.33 -7.09 10.56
C ASN A 362 19.91 -6.49 9.28
N GLU A 363 20.22 -7.34 8.31
CA GLU A 363 20.72 -6.89 7.03
C GLU A 363 19.71 -5.92 6.44
N PHE A 364 18.45 -6.36 6.35
CA PHE A 364 17.43 -5.56 5.71
C PHE A 364 16.95 -4.34 6.49
N PHE A 365 16.79 -4.51 7.80
CA PHE A 365 16.33 -3.40 8.63
C PHE A 365 17.34 -2.27 8.74
N ASN A 366 18.58 -2.59 9.12
CA ASN A 366 19.59 -1.57 9.30
C ASN A 366 19.79 -0.76 8.02
N GLU A 367 19.45 -1.37 6.89
CA GLU A 367 19.53 -0.72 5.59
C GLU A 367 18.43 0.34 5.42
N PHE A 368 17.25 0.08 5.98
CA PHE A 368 16.13 1.02 5.90
C PHE A 368 16.26 2.10 6.96
N TRP A 369 16.59 1.66 8.18
CA TRP A 369 16.63 2.55 9.31
C TRP A 369 17.75 3.56 9.18
N SER A 370 18.81 3.19 8.47
CA SER A 370 19.93 4.08 8.19
C SER A 370 19.62 5.18 7.16
N LEU A 371 18.63 4.94 6.30
CA LEU A 371 18.27 5.92 5.28
C LEU A 371 17.78 7.22 5.90
N SER A 372 18.03 8.33 5.21
CA SER A 372 17.37 9.57 5.54
C SER A 372 16.10 9.58 4.73
N GLN A 373 15.05 10.18 5.26
CA GLN A 373 13.74 10.28 4.61
C GLN A 373 13.78 10.86 3.18
N PRO A 374 13.18 10.13 2.24
CA PRO A 374 13.13 10.50 0.82
C PRO A 374 12.89 11.98 0.52
N THR A 375 13.81 12.56 -0.26
CA THR A 375 13.69 13.91 -0.81
C THR A 375 14.00 13.90 -2.29
N GLY A 376 13.51 14.91 -3.00
CA GLY A 376 13.83 15.07 -4.40
C GLY A 376 12.69 14.74 -5.32
N ASP A 377 13.02 14.15 -6.47
CA ASP A 377 12.10 13.98 -7.57
C ASP A 377 11.36 12.66 -7.47
N TYR A 378 12.11 11.63 -7.05
CA TYR A 378 11.57 10.27 -6.93
C TYR A 378 11.01 10.01 -5.54
N ARG A 379 10.79 11.10 -4.79
CA ARG A 379 10.36 11.03 -3.39
C ARG A 379 8.89 10.70 -3.18
N TYR A 380 8.05 10.85 -4.20
CA TYR A 380 6.63 10.55 -3.99
C TYR A 380 6.38 9.09 -3.59
N TYR A 381 6.89 8.15 -4.39
CA TYR A 381 6.66 6.74 -4.16
C TYR A 381 7.50 6.25 -2.99
N ASN A 382 8.76 6.63 -2.99
CA ASN A 382 9.64 6.22 -1.89
C ASN A 382 9.25 6.82 -0.56
N GLY A 383 8.97 8.11 -0.55
CA GLY A 383 8.53 8.80 0.66
C GLY A 383 7.23 8.26 1.19
N SER A 384 6.29 7.97 0.29
CA SER A 384 5.00 7.39 0.66
C SER A 384 5.17 6.06 1.39
N LEU A 385 5.93 5.14 0.78
CA LEU A 385 6.24 3.84 1.38
C LEU A 385 7.14 4.02 2.60
N TYR A 386 8.05 4.99 2.56
CA TYR A 386 8.90 5.27 3.71
C TYR A 386 7.99 5.54 4.90
N MET A 387 6.99 6.39 4.66
CA MET A 387 6.05 6.79 5.71
C MET A 387 5.26 5.59 6.21
N LEU A 388 4.70 4.81 5.28
CA LEU A 388 3.99 3.60 5.64
C LEU A 388 4.91 2.67 6.42
N ALA A 389 6.07 2.38 5.84
CA ALA A 389 7.04 1.55 6.52
C ALA A 389 7.42 2.13 7.90
N MET A 390 7.35 3.45 8.07
CA MET A 390 7.74 4.03 9.35
C MET A 390 6.74 3.63 10.41
N LEU A 391 5.47 3.57 10.03
CA LEU A 391 4.40 3.21 10.94
C LEU A 391 4.42 1.73 11.21
N HIS A 392 4.85 0.97 10.21
CA HIS A 392 4.91 -0.47 10.31
C HIS A 392 6.02 -0.97 11.25
N VAL A 393 7.22 -0.45 11.05
CA VAL A 393 8.36 -0.82 11.89
C VAL A 393 8.33 -0.21 13.32
N SER A 394 7.32 0.60 13.63
CA SER A 394 7.29 1.35 14.89
C SER A 394 6.12 1.01 15.83
N GLY A 395 5.33 0.00 15.46
CA GLY A 395 4.12 -0.34 16.19
C GLY A 395 3.05 0.72 16.11
N ASN A 396 2.95 1.37 14.96
CA ASN A 396 1.95 2.43 14.78
C ASN A 396 0.89 2.16 13.71
N PHE A 397 1.06 1.08 12.96
CA PHE A 397 0.01 0.63 12.07
C PHE A 397 -0.87 -0.30 12.84
N LYS A 398 -2.04 0.19 13.21
CA LYS A 398 -2.96 -0.60 14.02
C LYS A 398 -4.32 -0.68 13.37
N PHE A 399 -5.09 -1.69 13.74
CA PHE A 399 -6.46 -1.77 13.31
C PHE A 399 -7.28 -1.18 14.43
N TYR A 400 -8.08 -0.19 14.10
CA TYR A 400 -8.96 0.45 15.07
C TYR A 400 -10.38 0.04 14.73
N ASN A 401 -10.98 -0.76 15.60
CA ASN A 401 -12.34 -1.26 15.39
C ASN A 401 -13.41 -0.32 15.86
N ASN A 402 -14.50 -0.26 15.09
CA ASN A 402 -15.66 0.49 15.49
C ASN A 402 -16.51 -0.37 16.40
N THR A 403 -17.09 0.24 17.42
CA THR A 403 -18.03 -0.47 18.28
C THR A 403 -19.45 -0.01 17.93
N PHE A 404 -20.40 -0.95 17.99
CA PHE A 404 -21.81 -0.67 17.64
C PHE A 404 -22.77 -1.00 18.79
#